data_4L7N
#
_entry.id   4L7N
#
_cell.length_a   54.945
_cell.length_b   56.822
_cell.length_c   56.427
_cell.angle_alpha   90.00
_cell.angle_beta   112.41
_cell.angle_gamma   90.00
#
_symmetry.space_group_name_H-M   'P 1 21 1'
#
loop_
_entity.id
_entity.type
_entity.pdbx_description
1 polymer 'Poly [ADP-ribose] polymerase 3'
2 non-polymer 3-(4-oxo-3,4-dihydroquinazolin-2-yl)-N-[(1S)-1-(4-sulfamoylphenyl)ethyl]propanamide
3 water water
#
_entity_poly.entity_id   1
_entity_poly.type   'polypeptide(L)'
_entity_poly.pdbx_seq_one_letter_code
;SMKRVQPCSLDPATQKLITNIFSKEMFKNTMALMDLDVKKMPLGKLSKQQIARGFEALEALEEALKGPTDGGQSLEELSS
HFYTVIPHNFGHSQPPPINSPELLQAKKDMLLVLADIELAQALQAVSEQEKTVEEVPHPLDRDYQLLKCQLQLLDSGAPE
YKVIQTYLEQTGSNHRCPTLQHIWKVNQEGEEDRFQAHSKLGNRKLLWHGTNMAVVAAILTSGLRIMPHSGGRVGKGIYF
ASENSKSAGYVIGMKCGAHHVGYMFLGEVALGREHHINTDNPSLKSPPPGFDSVIARGHTEPDPTQDTELELDGQQVVVP
QGQPVPCPEFSSSTFSQSEYLIYQESQCRLRYLLEVH
;
_entity_poly.pdbx_strand_id   A
#
loop_
_chem_comp.id
_chem_comp.type
_chem_comp.name
_chem_comp.formula
1VB non-polymer 3-(4-oxo-3,4-dihydroquinazolin-2-yl)-N-[(1S)-1-(4-sulfamoylphenyl)ethyl]propanamide 'C19 H20 N4 O4 S'
#
# COMPACT_ATOMS: atom_id res chain seq x y z
N MET A 2 37.92 12.97 -5.54
CA MET A 2 36.55 13.62 -5.39
C MET A 2 35.65 13.39 -6.60
N LYS A 3 34.50 12.77 -6.38
CA LYS A 3 33.66 12.35 -7.46
C LYS A 3 32.80 13.52 -7.91
N ARG A 4 32.54 13.56 -9.20
CA ARG A 4 31.51 14.45 -9.74
C ARG A 4 30.13 13.93 -9.43
N VAL A 5 29.23 14.84 -9.03
CA VAL A 5 27.79 14.58 -8.90
C VAL A 5 27.14 15.06 -10.18
N GLN A 6 26.52 14.16 -10.94
CA GLN A 6 25.94 14.56 -12.21
C GLN A 6 24.64 15.31 -11.97
N PRO A 7 24.28 16.23 -12.86
CA PRO A 7 22.99 16.94 -12.70
C PRO A 7 21.77 16.02 -12.69
N CYS A 8 20.76 16.43 -11.97
CA CYS A 8 19.53 15.62 -11.81
C CYS A 8 18.72 15.64 -13.10
N SER A 9 18.25 14.47 -13.51
CA SER A 9 17.46 14.36 -14.76
C SER A 9 15.94 14.54 -14.52
N LEU A 10 15.56 14.50 -13.26
CA LEU A 10 14.13 14.50 -12.88
C LEU A 10 13.43 15.85 -12.88
N ASP A 11 12.16 15.84 -13.31
CA ASP A 11 11.33 17.03 -13.21
C ASP A 11 11.03 17.33 -11.69
N PRO A 12 10.61 18.56 -11.37
CA PRO A 12 10.42 19.00 -10.00
C PRO A 12 9.46 18.10 -9.20
N ALA A 13 8.36 17.72 -9.79
CA ALA A 13 7.36 16.89 -9.08
C ALA A 13 7.94 15.54 -8.72
N THR A 14 8.68 14.96 -9.68
CA THR A 14 9.30 13.67 -9.44
C THR A 14 10.42 13.76 -8.41
N GLN A 15 11.22 14.84 -8.45
CA GLN A 15 12.23 15.01 -7.41
C GLN A 15 11.57 15.08 -6.03
N LYS A 16 10.48 15.83 -5.92
CA LYS A 16 9.74 15.87 -4.64
C LYS A 16 9.23 14.50 -4.16
N LEU A 17 8.61 13.73 -5.04
CA LEU A 17 8.16 12.34 -4.75
C LEU A 17 9.29 11.48 -4.18
N ILE A 18 10.41 11.45 -4.90
CA ILE A 18 11.56 10.67 -4.54
C ILE A 18 12.15 11.16 -3.21
N THR A 19 12.18 12.46 -3.02
CA THR A 19 12.62 13.02 -1.72
C THR A 19 11.69 12.47 -0.62
N ASN A 20 10.38 12.55 -0.85
CA ASN A 20 9.37 12.19 0.17
C ASN A 20 9.42 10.70 0.54
N ILE A 21 9.50 9.79 -0.45
CA ILE A 21 9.32 8.39 -0.18
C ILE A 21 10.57 7.71 0.35
N PHE A 22 11.69 8.45 0.32
CA PHE A 22 12.93 7.98 0.93
C PHE A 22 13.39 8.84 2.15
N SER A 23 12.53 9.75 2.57
CA SER A 23 12.85 10.70 3.63
C SER A 23 13.00 10.02 4.97
N LYS A 24 14.16 10.27 5.61
CA LYS A 24 14.40 9.75 6.95
C LYS A 24 13.45 10.31 7.97
N GLU A 25 13.10 11.56 7.86
CA GLU A 25 12.08 12.11 8.76
C GLU A 25 10.73 11.41 8.57
N MET A 26 10.36 11.18 7.30
CA MET A 26 9.11 10.50 6.98
C MET A 26 9.09 9.14 7.65
N PHE A 27 10.16 8.38 7.50
CA PHE A 27 10.23 7.05 8.06
C PHE A 27 10.14 7.06 9.61
N LYS A 28 10.90 7.95 10.25
CA LYS A 28 10.86 8.07 11.69
C LYS A 28 9.52 8.57 12.21
N ASN A 29 8.88 9.47 11.45
CA ASN A 29 7.53 9.95 11.81
C ASN A 29 6.55 8.76 11.81
N THR A 30 6.63 7.96 10.76
CA THR A 30 5.79 6.76 10.66
C THR A 30 6.03 5.81 11.83
N MET A 31 7.28 5.59 12.22
CA MET A 31 7.59 4.77 13.35
C MET A 31 6.99 5.35 14.67
N ALA A 32 7.08 6.65 14.84
CA ALA A 32 6.44 7.33 15.98
C ALA A 32 4.92 7.20 15.98
N LEU A 33 4.31 7.28 14.83
CA LEU A 33 2.88 7.13 14.68
C LEU A 33 2.48 5.70 15.02
N MET A 34 3.40 4.74 14.87
CA MET A 34 3.14 3.35 15.25
C MET A 34 3.62 2.99 16.66
N ASP A 35 3.97 4.01 17.48
CA ASP A 35 4.38 3.82 18.85
C ASP A 35 5.71 3.16 19.05
N LEU A 36 6.56 3.18 18.02
CA LEU A 36 7.89 2.61 18.15
C LEU A 36 8.86 3.59 18.74
N ASP A 37 9.88 3.05 19.39
CA ASP A 37 10.87 3.90 20.02
C ASP A 37 12.02 4.09 19.05
N VAL A 38 12.04 5.22 18.35
CA VAL A 38 13.02 5.42 17.29
C VAL A 38 14.44 5.53 17.89
N LYS A 39 14.54 5.94 19.16
CA LYS A 39 15.87 6.09 19.81
C LYS A 39 16.52 4.75 19.99
N LYS A 40 15.71 3.74 20.31
CA LYS A 40 16.16 2.39 20.51
C LYS A 40 16.21 1.58 19.23
N MET A 41 15.54 2.08 18.20
CA MET A 41 15.44 1.32 16.96
C MET A 41 15.61 2.28 15.83
N PRO A 42 16.83 2.89 15.71
CA PRO A 42 17.08 3.82 14.63
C PRO A 42 17.02 3.14 13.26
N LEU A 43 16.77 3.92 12.22
CA LEU A 43 16.56 3.38 10.89
C LEU A 43 17.71 2.55 10.42
N GLY A 44 18.92 3.04 10.68
CA GLY A 44 20.09 2.33 10.26
C GLY A 44 20.30 1.04 11.00
N LYS A 45 19.65 0.85 12.14
CA LYS A 45 19.83 -0.38 12.97
C LYS A 45 18.77 -1.44 12.72
N LEU A 46 17.69 -1.07 12.07
CA LEU A 46 16.62 -1.98 11.71
C LEU A 46 17.17 -3.11 10.88
N SER A 47 16.85 -4.35 11.24
CA SER A 47 17.32 -5.49 10.43
C SER A 47 16.23 -6.50 10.15
N LYS A 48 16.45 -7.32 9.12
CA LYS A 48 15.52 -8.39 8.80
C LYS A 48 15.37 -9.43 9.95
N GLN A 49 16.49 -9.75 10.58
CA GLN A 49 16.49 -10.68 11.70
C GLN A 49 15.57 -10.14 12.82
N GLN A 50 15.69 -8.87 13.13
CA GLN A 50 14.88 -8.29 14.24
C GLN A 50 13.39 -8.37 13.90
N ILE A 51 13.05 -8.02 12.67
CA ILE A 51 11.69 -8.09 12.18
C ILE A 51 11.20 -9.52 12.24
N ALA A 52 12.04 -10.47 11.77
CA ALA A 52 11.61 -11.89 11.80
C ALA A 52 11.36 -12.34 13.27
N ARG A 53 12.21 -11.91 14.18
CA ARG A 53 12.03 -12.25 15.61
C ARG A 53 10.74 -11.65 16.18
N GLY A 54 10.35 -10.48 15.67
CA GLY A 54 9.11 -9.86 16.13
C GLY A 54 7.92 -10.70 15.68
N PHE A 55 7.95 -11.19 14.43
CA PHE A 55 6.87 -12.00 13.91
C PHE A 55 6.83 -13.33 14.71
N GLU A 56 7.98 -13.91 15.03
CA GLU A 56 7.99 -15.14 15.91
C GLU A 56 7.31 -14.86 17.26
N ALA A 57 7.56 -13.68 17.80
CA ALA A 57 6.95 -13.33 19.10
C ALA A 57 5.45 -13.15 18.94
N LEU A 58 5.00 -12.62 17.80
CA LEU A 58 3.57 -12.44 17.59
C LEU A 58 2.93 -13.81 17.29
N GLU A 59 3.66 -14.69 16.62
CA GLU A 59 3.16 -16.06 16.40
C GLU A 59 2.95 -16.82 17.71
N ALA A 60 3.81 -16.60 18.69
CA ALA A 60 3.65 -17.22 20.02
C ALA A 60 2.44 -16.65 20.71
N LEU A 61 2.27 -15.32 20.59
CA LEU A 61 1.12 -14.66 21.16
C LEU A 61 -0.20 -15.19 20.56
N GLU A 62 -0.19 -15.39 19.26
CA GLU A 62 -1.40 -15.84 18.58
C GLU A 62 -1.78 -17.21 19.09
N GLU A 63 -0.78 -18.04 19.31
CA GLU A 63 -1.05 -19.42 19.72
C GLU A 63 -1.63 -19.40 21.14
N ALA A 64 -1.08 -18.53 21.98
CA ALA A 64 -1.60 -18.32 23.34
C ALA A 64 -3.04 -17.84 23.34
N LEU A 65 -3.36 -16.87 22.47
CA LEU A 65 -4.71 -16.37 22.34
C LEU A 65 -5.78 -17.38 21.86
N LYS A 66 -5.41 -18.45 21.15
CA LYS A 66 -6.39 -19.45 20.63
C LYS A 66 -6.61 -20.70 21.49
N ASP A 70 -3.37 -25.46 29.48
CA ASP A 70 -2.24 -25.20 28.63
C ASP A 70 -0.96 -24.98 29.45
N GLY A 71 -0.98 -24.01 30.36
CA GLY A 71 0.13 -23.75 31.25
C GLY A 71 1.32 -23.16 30.52
N GLY A 72 1.06 -22.56 29.35
CA GLY A 72 2.10 -21.82 28.62
C GLY A 72 2.36 -20.47 29.26
N GLN A 73 3.25 -19.70 28.65
CA GLN A 73 3.59 -18.36 29.17
C GLN A 73 2.33 -17.47 29.16
N SER A 74 2.22 -16.55 30.11
CA SER A 74 1.10 -15.57 30.15
C SER A 74 1.20 -14.61 28.95
N LEU A 75 0.08 -14.00 28.62
CA LEU A 75 0.03 -13.02 27.54
C LEU A 75 0.97 -11.87 27.88
N GLU A 76 1.14 -11.61 29.18
CA GLU A 76 1.97 -10.50 29.63
C GLU A 76 3.44 -10.83 29.44
N GLU A 77 3.79 -12.07 29.74
CA GLU A 77 5.16 -12.51 29.60
C GLU A 77 5.52 -12.52 28.09
N LEU A 78 4.63 -13.05 27.27
CA LEU A 78 4.86 -13.15 25.83
C LEU A 78 4.86 -11.77 25.19
N SER A 79 3.99 -10.89 25.67
CA SER A 79 4.00 -9.46 25.24
C SER A 79 5.31 -8.78 25.56
N SER A 80 5.79 -8.99 26.78
CA SER A 80 7.08 -8.50 27.19
C SER A 80 8.20 -8.97 26.29
N HIS A 81 8.18 -10.22 25.85
CA HIS A 81 9.20 -10.65 24.92
C HIS A 81 9.12 -9.87 23.61
N PHE A 82 7.90 -9.76 23.04
CA PHE A 82 7.70 -8.95 21.82
C PHE A 82 8.26 -7.53 22.01
N TYR A 83 7.92 -6.91 23.12
CA TYR A 83 8.34 -5.54 23.32
C TYR A 83 9.84 -5.37 23.57
N THR A 84 10.54 -6.42 23.96
CA THR A 84 11.99 -6.39 24.03
C THR A 84 12.58 -6.47 22.64
N VAL A 85 12.00 -7.30 21.79
CA VAL A 85 12.46 -7.46 20.41
C VAL A 85 12.21 -6.20 19.57
N ILE A 86 11.02 -5.59 19.73
CA ILE A 86 10.60 -4.43 18.98
C ILE A 86 10.26 -3.32 20.00
N PRO A 87 11.26 -2.45 20.31
CA PRO A 87 11.05 -1.42 21.34
C PRO A 87 9.97 -0.40 20.97
N HIS A 88 9.06 -0.18 21.92
CA HIS A 88 7.96 0.71 21.80
C HIS A 88 8.13 1.86 22.78
N ASN A 89 7.45 2.97 22.49
CA ASN A 89 7.50 4.15 23.30
C ASN A 89 6.06 4.57 23.63
N PHE A 90 5.76 4.53 24.90
CA PHE A 90 4.49 5.04 25.41
C PHE A 90 4.82 6.04 26.54
N GLY A 91 5.58 7.06 26.19
CA GLY A 91 6.19 7.98 27.17
C GLY A 91 6.74 7.25 28.39
N HIS A 92 7.56 6.23 28.17
CA HIS A 92 8.15 5.48 29.29
C HIS A 92 7.16 5.03 30.39
N SER A 93 5.92 4.74 29.98
CA SER A 93 5.03 3.86 30.76
C SER A 93 5.16 2.48 30.16
N GLN A 94 4.62 1.47 30.86
CA GLN A 94 4.68 0.10 30.36
C GLN A 94 3.91 0.05 29.04
N PRO A 95 4.39 -0.72 28.03
CA PRO A 95 3.53 -0.97 26.88
C PRO A 95 2.39 -1.92 27.28
N PRO A 96 1.26 -1.90 26.55
CA PRO A 96 0.07 -2.70 26.87
C PRO A 96 0.15 -4.17 26.38
N PRO A 97 -0.46 -5.10 27.13
CA PRO A 97 -0.38 -6.51 26.74
C PRO A 97 -1.22 -6.77 25.50
N ILE A 98 -0.74 -7.67 24.67
CA ILE A 98 -1.33 -7.92 23.37
C ILE A 98 -2.31 -9.08 23.60
N ASN A 99 -3.57 -8.72 23.87
CA ASN A 99 -4.53 -9.68 24.45
C ASN A 99 -5.87 -9.77 23.75
N SER A 100 -5.91 -9.36 22.49
CA SER A 100 -7.09 -9.44 21.61
C SER A 100 -6.65 -9.73 20.19
N PRO A 101 -7.52 -10.33 19.39
CA PRO A 101 -7.24 -10.49 17.96
C PRO A 101 -6.94 -9.17 17.29
N GLU A 102 -7.73 -8.14 17.63
CA GLU A 102 -7.59 -6.85 17.00
C GLU A 102 -6.21 -6.24 17.27
N LEU A 103 -5.77 -6.30 18.52
CA LEU A 103 -4.46 -5.78 18.87
C LEU A 103 -3.32 -6.65 18.26
N LEU A 104 -3.54 -7.96 18.17
CA LEU A 104 -2.56 -8.84 17.53
C LEU A 104 -2.41 -8.45 16.07
N GLN A 105 -3.52 -8.28 15.37
CA GLN A 105 -3.44 -7.92 13.96
C GLN A 105 -2.79 -6.54 13.77
N ALA A 106 -3.04 -5.61 14.70
CA ALA A 106 -2.48 -4.27 14.60
C ALA A 106 -0.96 -4.29 14.79
N LYS A 107 -0.47 -5.12 15.68
CA LYS A 107 0.97 -5.35 15.72
C LYS A 107 1.53 -6.08 14.48
N LYS A 108 0.83 -7.07 13.93
CA LYS A 108 1.27 -7.68 12.66
C LYS A 108 1.38 -6.62 11.57
N ASP A 109 0.35 -5.78 11.48
CA ASP A 109 0.34 -4.73 10.46
C ASP A 109 1.49 -3.74 10.63
N MET A 110 1.76 -3.37 11.88
CA MET A 110 2.91 -2.51 12.21
C MET A 110 4.18 -3.11 11.70
N LEU A 111 4.38 -4.40 11.93
CA LEU A 111 5.60 -5.05 11.49
C LEU A 111 5.71 -5.16 9.97
N LEU A 112 4.59 -5.35 9.31
CA LEU A 112 4.54 -5.36 7.82
C LEU A 112 5.01 -4.01 7.25
N VAL A 113 4.59 -2.94 7.91
CA VAL A 113 5.00 -1.58 7.53
C VAL A 113 6.51 -1.42 7.85
N LEU A 114 6.92 -1.81 9.06
CA LEU A 114 8.34 -1.77 9.44
C LEU A 114 9.28 -2.57 8.48
N ALA A 115 8.80 -3.71 8.01
CA ALA A 115 9.50 -4.54 7.01
C ALA A 115 9.73 -3.78 5.72
N ASP A 116 8.79 -2.94 5.31
CA ASP A 116 8.96 -2.11 4.12
C ASP A 116 9.82 -0.88 4.36
N ILE A 117 9.83 -0.38 5.59
CA ILE A 117 10.81 0.66 5.93
C ILE A 117 12.21 0.03 5.83
N GLU A 118 12.41 -1.15 6.43
CA GLU A 118 13.72 -1.81 6.34
C GLU A 118 14.10 -2.10 4.87
N LEU A 119 13.15 -2.55 4.07
CA LEU A 119 13.41 -2.71 2.64
C LEU A 119 13.99 -1.45 1.99
N ALA A 120 13.35 -0.30 2.23
CA ALA A 120 13.84 0.97 1.69
C ALA A 120 15.25 1.28 2.21
N GLN A 121 15.57 0.98 3.46
CA GLN A 121 16.93 1.26 3.96
C GLN A 121 17.95 0.34 3.27
N ALA A 122 17.60 -0.93 3.11
CA ALA A 122 18.47 -1.93 2.47
C ALA A 122 18.72 -1.55 1.00
N LEU A 123 17.67 -1.05 0.34
CA LEU A 123 17.77 -0.62 -1.03
C LEU A 123 18.82 0.47 -1.19
N GLN A 124 18.86 1.37 -0.23
CA GLN A 124 19.77 2.52 -0.28
C GLN A 124 21.24 2.23 0.03
N ALA A 125 21.56 1.03 0.51
CA ALA A 125 22.93 0.68 0.81
C ALA A 125 23.81 0.87 -0.44
N VAL A 126 24.96 1.48 -0.24
CA VAL A 126 25.86 1.84 -1.36
C VAL A 126 26.63 0.60 -1.83
N SER A 127 26.58 0.33 -3.13
CA SER A 127 27.21 -0.86 -3.70
C SER A 127 28.70 -0.62 -3.88
N GLU A 128 29.42 -1.68 -4.23
CA GLU A 128 30.86 -1.57 -4.43
C GLU A 128 31.17 -0.91 -5.76
N GLN A 129 30.37 -1.19 -6.79
CA GLN A 129 30.55 -0.48 -8.05
C GLN A 129 30.43 1.05 -7.84
N GLU A 130 29.50 1.48 -6.98
CA GLU A 130 29.30 2.91 -6.70
C GLU A 130 30.50 3.55 -6.00
N LYS A 131 31.23 2.76 -5.20
CA LYS A 131 32.43 3.31 -4.53
C LYS A 131 33.60 3.48 -5.51
N THR A 132 33.62 2.68 -6.56
CA THR A 132 34.70 2.73 -7.54
C THR A 132 34.47 3.76 -8.71
N VAL A 133 33.24 3.93 -9.19
CA VAL A 133 33.00 4.91 -10.30
C VAL A 133 33.41 6.32 -9.89
N GLU A 134 33.91 7.09 -10.86
CA GLU A 134 34.42 8.43 -10.57
C GLU A 134 33.36 9.54 -10.72
N GLU A 135 32.17 9.19 -11.21
CA GLU A 135 31.07 10.13 -11.26
C GLU A 135 29.89 9.38 -10.73
N VAL A 136 29.04 10.07 -9.97
CA VAL A 136 27.84 9.46 -9.43
C VAL A 136 26.61 10.24 -9.89
N PRO A 137 25.46 9.57 -9.94
CA PRO A 137 24.24 10.30 -10.26
C PRO A 137 23.91 11.26 -9.15
N HIS A 138 23.13 12.27 -9.45
CA HIS A 138 22.50 13.04 -8.42
C HIS A 138 21.76 12.08 -7.45
N PRO A 139 21.78 12.36 -6.17
CA PRO A 139 21.13 11.44 -5.20
C PRO A 139 19.68 11.14 -5.49
N LEU A 140 18.93 12.06 -6.08
CA LEU A 140 17.51 11.72 -6.39
C LEU A 140 17.44 10.82 -7.62
N ASP A 141 18.35 11.00 -8.57
CA ASP A 141 18.49 9.99 -9.65
C ASP A 141 18.85 8.61 -9.15
N ARG A 142 19.78 8.56 -8.20
CA ARG A 142 20.20 7.31 -7.67
C ARG A 142 18.99 6.62 -7.00
N ASP A 143 18.30 7.39 -6.18
CA ASP A 143 17.15 6.83 -5.48
C ASP A 143 16.06 6.36 -6.44
N TYR A 144 15.71 7.17 -7.45
CA TYR A 144 14.79 6.76 -8.52
C TYR A 144 15.24 5.44 -9.21
N GLN A 145 16.55 5.34 -9.52
CA GLN A 145 17.09 4.18 -10.19
C GLN A 145 16.99 2.92 -9.37
N LEU A 146 17.12 3.06 -8.07
CA LEU A 146 17.03 1.90 -7.19
C LEU A 146 15.66 1.20 -7.23
N LEU A 147 14.61 1.95 -7.53
CA LEU A 147 13.22 1.43 -7.58
C LEU A 147 13.07 0.44 -8.74
N LYS A 148 13.91 0.56 -9.75
CA LYS A 148 13.72 -0.23 -10.99
C LYS A 148 12.26 -0.19 -11.44
N CYS A 149 11.72 1.04 -11.55
CA CYS A 149 10.30 1.30 -11.78
C CYS A 149 10.26 2.57 -12.57
N GLN A 150 9.66 2.54 -13.76
CA GLN A 150 9.60 3.72 -14.57
C GLN A 150 8.39 4.55 -14.13
N LEU A 151 8.63 5.85 -13.93
CA LEU A 151 7.61 6.77 -13.55
C LEU A 151 7.59 7.80 -14.62
N GLN A 152 6.42 8.12 -15.14
CA GLN A 152 6.31 9.26 -16.07
C GLN A 152 5.21 10.19 -15.62
N LEU A 153 5.56 11.42 -15.34
CA LEU A 153 4.63 12.41 -14.91
C LEU A 153 3.70 12.73 -16.06
N LEU A 154 2.40 12.73 -15.79
CA LEU A 154 1.40 13.06 -16.79
C LEU A 154 1.02 14.53 -16.77
N ASP A 155 0.78 15.11 -17.95
CA ASP A 155 0.21 16.48 -18.00
C ASP A 155 -1.28 16.39 -18.30
N SER A 156 -1.95 17.54 -18.15
CA SER A 156 -3.41 17.68 -18.19
C SER A 156 -4.08 17.02 -19.32
N GLY A 157 -3.37 16.93 -20.44
CA GLY A 157 -3.96 16.44 -21.60
C GLY A 157 -3.48 15.06 -22.00
N ALA A 158 -2.88 14.29 -21.07
CA ALA A 158 -2.64 12.86 -21.26
C ALA A 158 -4.03 12.23 -21.42
N PRO A 159 -4.16 11.21 -22.27
CA PRO A 159 -5.47 10.71 -22.62
C PRO A 159 -6.32 10.25 -21.46
N GLU A 160 -5.66 9.67 -20.47
CA GLU A 160 -6.35 9.18 -19.27
C GLU A 160 -6.51 10.22 -18.16
N TYR A 161 -5.95 11.41 -18.32
CA TYR A 161 -5.86 12.31 -17.15
C TYR A 161 -7.26 12.69 -16.58
N LYS A 162 -8.15 13.13 -17.47
CA LYS A 162 -9.51 13.53 -17.11
C LYS A 162 -10.33 12.38 -16.54
N VAL A 163 -10.12 11.23 -17.13
CA VAL A 163 -10.76 10.00 -16.64
C VAL A 163 -10.34 9.72 -15.18
N ILE A 164 -9.06 9.87 -14.87
CA ILE A 164 -8.54 9.63 -13.49
C ILE A 164 -9.03 10.72 -12.50
N GLN A 165 -8.91 11.98 -12.91
CA GLN A 165 -9.46 13.07 -12.14
C GLN A 165 -10.94 12.86 -11.86
N THR A 166 -11.71 12.45 -12.85
CA THR A 166 -13.13 12.18 -12.64
C THR A 166 -13.39 11.05 -11.60
N TYR A 167 -12.63 9.98 -11.73
CA TYR A 167 -12.72 8.86 -10.78
C TYR A 167 -12.46 9.36 -9.36
N LEU A 168 -11.39 10.14 -9.20
CA LEU A 168 -11.06 10.70 -7.89
C LEU A 168 -12.17 11.61 -7.40
N GLU A 169 -12.62 12.54 -8.24
CA GLU A 169 -13.61 13.51 -7.79
C GLU A 169 -14.98 12.93 -7.50
N GLN A 170 -15.46 12.04 -8.36
CA GLN A 170 -16.78 11.53 -8.19
C GLN A 170 -16.87 10.46 -7.07
N THR A 171 -15.79 9.73 -6.77
CA THR A 171 -15.85 8.75 -5.72
C THR A 171 -15.11 9.09 -4.42
N GLY A 172 -14.46 10.24 -4.39
CA GLY A 172 -13.84 10.75 -3.19
C GLY A 172 -14.81 11.40 -2.20
N SER A 173 -14.37 11.79 -1.00
CA SER A 173 -15.33 12.36 -0.01
C SER A 173 -16.08 13.53 -0.59
N ASN A 174 -17.36 13.63 -0.29
CA ASN A 174 -18.14 14.77 -0.80
C ASN A 174 -17.73 16.13 -0.24
N HIS A 175 -17.33 16.18 1.01
CA HIS A 175 -17.12 17.48 1.62
C HIS A 175 -15.67 18.03 1.55
N ARG A 176 -14.70 17.11 1.72
CA ARG A 176 -13.28 17.47 1.63
C ARG A 176 -12.54 16.43 0.72
N CYS A 177 -12.93 16.39 -0.53
CA CYS A 177 -12.26 15.51 -1.50
C CYS A 177 -10.75 15.82 -1.54
N PRO A 178 -9.89 14.79 -1.62
CA PRO A 178 -8.45 15.09 -1.79
C PRO A 178 -8.20 15.90 -3.05
N THR A 179 -7.25 16.81 -2.97
CA THR A 179 -6.97 17.69 -4.08
C THR A 179 -5.85 17.05 -4.92
N LEU A 180 -6.12 16.81 -6.17
CA LEU A 180 -5.13 16.21 -7.06
C LEU A 180 -3.98 17.14 -7.40
N GLN A 181 -2.75 16.72 -7.15
CA GLN A 181 -1.58 17.54 -7.46
C GLN A 181 -0.85 16.97 -8.68
N HIS A 182 -0.48 15.68 -8.61
CA HIS A 182 0.23 15.00 -9.71
C HIS A 182 -0.29 13.59 -9.98
N ILE A 183 -0.17 13.16 -11.22
CA ILE A 183 -0.33 11.77 -11.57
C ILE A 183 0.91 11.33 -12.30
N TRP A 184 1.46 10.18 -11.89
CA TRP A 184 2.47 9.46 -12.65
C TRP A 184 1.91 8.16 -13.21
N LYS A 185 2.23 7.87 -14.47
CA LYS A 185 2.12 6.50 -14.97
C LYS A 185 3.24 5.66 -14.38
N VAL A 186 2.92 4.43 -13.98
CA VAL A 186 3.83 3.52 -13.29
C VAL A 186 3.99 2.34 -14.18
N ASN A 187 5.25 2.05 -14.49
CA ASN A 187 5.61 0.82 -15.19
C ASN A 187 6.69 0.06 -14.45
N GLN A 188 6.26 -0.86 -13.60
CA GLN A 188 7.17 -1.77 -12.94
C GLN A 188 7.25 -2.99 -13.85
N GLU A 189 8.25 -3.01 -14.72
CA GLU A 189 8.39 -4.12 -15.69
C GLU A 189 8.66 -5.46 -14.98
N GLY A 190 8.19 -6.53 -15.60
CA GLY A 190 8.26 -7.84 -14.93
C GLY A 190 7.43 -7.88 -13.67
N GLU A 191 6.50 -6.92 -13.53
CA GLU A 191 5.11 -7.28 -13.21
C GLU A 191 4.54 -7.81 -14.51
N GLU A 192 5.10 -7.33 -15.62
CA GLU A 192 4.59 -7.61 -16.96
C GLU A 192 4.38 -9.09 -17.27
N ASP A 193 5.39 -9.92 -17.02
CA ASP A 193 5.30 -11.33 -17.43
C ASP A 193 4.18 -12.05 -16.66
N ARG A 194 4.20 -11.95 -15.34
CA ARG A 194 3.20 -12.61 -14.51
C ARG A 194 1.83 -12.04 -14.79
N PHE A 195 1.72 -10.74 -15.09
CA PHE A 195 0.41 -10.16 -15.40
C PHE A 195 -0.15 -10.69 -16.75
N GLN A 196 0.75 -10.85 -17.73
CA GLN A 196 0.39 -11.43 -19.05
C GLN A 196 -0.23 -12.83 -18.93
N ALA A 197 0.15 -13.57 -17.89
CA ALA A 197 -0.52 -14.85 -17.56
C ALA A 197 -2.06 -14.75 -17.43
N HIS A 198 -2.57 -13.58 -17.04
CA HIS A 198 -4.01 -13.41 -16.88
C HIS A 198 -4.65 -12.73 -18.09
N SER A 199 -3.89 -12.65 -19.19
CA SER A 199 -4.34 -12.00 -20.42
C SER A 199 -5.71 -12.51 -20.93
N LYS A 200 -6.03 -13.79 -20.66
CA LYS A 200 -7.28 -14.40 -21.12
C LYS A 200 -8.45 -13.92 -20.24
N LEU A 201 -8.11 -13.49 -19.01
CA LEU A 201 -9.07 -13.16 -17.97
C LEU A 201 -9.61 -11.77 -18.25
N GLY A 202 -10.91 -11.68 -18.45
CA GLY A 202 -11.51 -10.41 -18.69
C GLY A 202 -11.90 -9.87 -17.31
N ASN A 203 -12.90 -9.03 -17.32
CA ASN A 203 -13.29 -8.33 -16.14
C ASN A 203 -12.08 -7.66 -15.43
N ARG A 204 -11.46 -6.68 -16.08
CA ARG A 204 -10.38 -5.87 -15.47
C ARG A 204 -10.98 -4.59 -15.02
N LYS A 205 -10.56 -4.10 -13.82
CA LYS A 205 -11.00 -2.85 -13.36
C LYS A 205 -9.83 -2.11 -12.75
N LEU A 206 -9.85 -0.80 -12.88
CA LEU A 206 -8.84 0.07 -12.28
C LEU A 206 -9.37 0.45 -10.90
N LEU A 207 -8.61 0.15 -9.87
CA LEU A 207 -9.07 0.25 -8.49
C LEU A 207 -8.07 0.99 -7.67
N TRP A 208 -8.60 1.65 -6.66
CA TRP A 208 -7.77 2.40 -5.67
C TRP A 208 -7.07 1.51 -4.64
N HIS A 209 -5.81 1.86 -4.34
CA HIS A 209 -5.10 1.32 -3.21
C HIS A 209 -4.35 2.45 -2.48
N GLY A 210 -4.85 2.83 -1.31
CA GLY A 210 -4.22 3.82 -0.48
C GLY A 210 -3.30 3.22 0.55
N THR A 211 -2.22 3.93 0.83
CA THR A 211 -1.28 3.43 1.74
C THR A 211 -0.48 4.48 2.48
N ASN A 212 0.31 3.99 3.41
CA ASN A 212 1.29 4.75 4.19
C ASN A 212 2.37 5.30 3.22
N MET A 213 2.76 6.55 3.35
CA MET A 213 3.90 7.01 2.64
C MET A 213 5.15 6.12 2.78
N ALA A 214 5.33 5.54 3.97
CA ALA A 214 6.47 4.71 4.30
C ALA A 214 6.56 3.40 3.51
N VAL A 215 5.53 3.01 2.82
CA VAL A 215 5.60 1.76 2.05
C VAL A 215 5.59 2.01 0.55
N VAL A 216 5.54 3.28 0.12
CA VAL A 216 5.47 3.59 -1.31
C VAL A 216 6.74 3.14 -2.03
N ALA A 217 7.92 3.37 -1.46
CA ALA A 217 9.14 2.94 -2.12
C ALA A 217 9.15 1.40 -2.37
N ALA A 218 8.77 0.66 -1.33
CA ALA A 218 8.70 -0.79 -1.38
C ALA A 218 7.71 -1.24 -2.46
N ILE A 219 6.54 -0.63 -2.50
CA ILE A 219 5.52 -1.00 -3.50
C ILE A 219 6.08 -0.73 -4.89
N LEU A 220 6.77 0.41 -5.05
CA LEU A 220 7.29 0.73 -6.38
C LEU A 220 8.37 -0.27 -6.83
N THR A 221 9.12 -0.78 -5.85
CA THR A 221 10.17 -1.75 -6.10
C THR A 221 9.65 -3.16 -6.35
N SER A 222 8.57 -3.55 -5.67
CA SER A 222 8.21 -4.95 -5.53
C SER A 222 6.74 -5.27 -5.83
N GLY A 223 5.97 -4.24 -6.16
CA GLY A 223 4.54 -4.37 -6.36
C GLY A 223 3.75 -4.51 -5.07
N LEU A 224 2.45 -4.63 -5.23
CA LEU A 224 1.57 -5.00 -4.12
C LEU A 224 1.75 -6.48 -3.79
N ARG A 225 1.89 -6.75 -2.51
CA ARG A 225 2.27 -8.08 -2.04
C ARG A 225 1.31 -8.60 -0.98
N ILE A 226 1.23 -9.93 -0.94
CA ILE A 226 0.56 -10.67 0.11
C ILE A 226 1.62 -11.30 0.94
N MET A 227 1.73 -10.97 2.21
CA MET A 227 2.74 -11.58 3.10
C MET A 227 2.09 -12.51 4.10
N PRO A 228 2.89 -13.43 4.71
CA PRO A 228 2.38 -14.49 5.58
C PRO A 228 1.41 -14.06 6.70
N HIS A 229 1.66 -12.91 7.26
CA HIS A 229 0.85 -12.36 8.36
C HIS A 229 -0.13 -11.25 7.93
N SER A 230 -0.31 -11.03 6.65
CA SER A 230 -1.32 -10.04 6.28
C SER A 230 -2.74 -10.57 6.48
N GLY A 231 -3.67 -9.67 6.78
CA GLY A 231 -5.05 -10.08 7.05
C GLY A 231 -5.96 -8.88 7.00
N GLY A 232 -7.23 -9.10 7.33
CA GLY A 232 -8.19 -8.01 7.38
C GLY A 232 -9.55 -8.64 7.23
N ARG A 233 -10.56 -7.82 6.93
CA ARG A 233 -11.95 -8.29 7.05
C ARG A 233 -12.34 -9.31 5.99
N VAL A 234 -11.53 -9.46 4.94
CA VAL A 234 -11.74 -10.38 3.78
C VAL A 234 -10.52 -11.32 3.59
N GLY A 235 -9.78 -11.52 4.63
CA GLY A 235 -8.68 -12.45 4.65
C GLY A 235 -7.36 -11.94 4.08
N LYS A 236 -6.58 -12.92 3.64
CA LYS A 236 -5.17 -12.78 3.31
C LYS A 236 -5.03 -12.49 1.83
N GLY A 237 -5.34 -11.27 1.42
CA GLY A 237 -5.15 -10.93 0.03
C GLY A 237 -4.72 -9.49 -0.13
N ILE A 238 -4.80 -9.00 -1.36
CA ILE A 238 -4.52 -7.59 -1.69
C ILE A 238 -5.90 -6.87 -1.79
N TYR A 239 -6.04 -5.80 -1.03
CA TYR A 239 -7.24 -5.05 -0.88
C TYR A 239 -7.26 -3.80 -1.76
N PHE A 240 -8.39 -3.61 -2.45
CA PHE A 240 -8.68 -2.43 -3.20
C PHE A 240 -10.08 -1.90 -2.95
N ALA A 241 -10.30 -0.69 -3.39
CA ALA A 241 -11.61 -0.06 -3.32
C ALA A 241 -11.98 0.60 -4.64
N SER A 242 -13.28 0.54 -4.98
CA SER A 242 -13.79 1.33 -6.11
C SER A 242 -14.14 2.76 -5.71
N GLU A 243 -14.22 3.03 -4.41
CA GLU A 243 -14.51 4.39 -3.93
C GLU A 243 -13.25 4.96 -3.36
N ASN A 244 -12.77 6.07 -3.95
CA ASN A 244 -11.55 6.71 -3.46
C ASN A 244 -11.61 7.03 -1.97
N SER A 245 -12.80 7.41 -1.49
CA SER A 245 -12.97 7.73 -0.10
C SER A 245 -12.63 6.56 0.83
N LYS A 246 -12.94 5.32 0.44
CA LYS A 246 -12.55 4.18 1.23
C LYS A 246 -11.03 4.02 1.29
N SER A 247 -10.38 4.07 0.13
CA SER A 247 -8.92 3.91 0.10
C SER A 247 -8.22 5.07 0.79
N ALA A 248 -8.80 6.26 0.69
CA ALA A 248 -8.15 7.42 1.30
C ALA A 248 -8.06 7.32 2.83
N GLY A 249 -8.95 6.55 3.44
CA GLY A 249 -8.90 6.20 4.86
C GLY A 249 -7.61 5.52 5.34
N TYR A 250 -6.89 4.89 4.40
CA TYR A 250 -5.65 4.23 4.70
C TYR A 250 -4.42 5.07 4.37
N VAL A 251 -4.63 6.29 3.87
CA VAL A 251 -3.54 7.15 3.48
C VAL A 251 -3.03 7.81 4.71
N ILE A 252 -1.79 7.46 5.06
CA ILE A 252 -1.06 8.19 6.03
C ILE A 252 -0.14 9.18 5.24
N GLY A 253 -0.53 10.43 5.45
CA GLY A 253 0.09 11.55 4.79
C GLY A 253 1.03 12.15 5.81
N MET A 254 1.69 13.22 5.40
CA MET A 254 2.71 13.88 6.19
C MET A 254 2.58 15.37 5.96
N LYS A 255 2.72 16.14 7.05
CA LYS A 255 2.66 17.59 6.97
C LYS A 255 3.90 18.07 6.31
N CYS A 256 3.73 18.85 5.24
CA CYS A 256 4.85 19.51 4.53
C CYS A 256 4.44 20.97 4.34
N GLY A 257 5.13 21.90 5.01
CA GLY A 257 4.75 23.31 4.94
C GLY A 257 3.34 23.45 5.48
N ALA A 258 2.47 24.14 4.74
CA ALA A 258 1.08 24.36 5.18
C ALA A 258 0.11 23.25 4.77
N HIS A 259 0.63 22.21 4.12
CA HIS A 259 -0.09 21.11 3.46
CA HIS A 259 -0.28 21.19 3.58
C HIS A 259 0.08 19.80 4.06
N HIS A 260 -0.85 18.89 3.77
CA HIS A 260 -0.78 17.49 4.15
C HIS A 260 -0.64 16.66 2.86
N VAL A 261 0.51 16.01 2.64
CA VAL A 261 0.79 15.32 1.35
C VAL A 261 0.58 13.83 1.50
N GLY A 262 -0.12 13.19 0.56
CA GLY A 262 -0.33 11.75 0.56
C GLY A 262 -0.27 11.18 -0.85
N TYR A 263 -0.13 9.89 -0.89
CA TYR A 263 0.02 9.11 -2.14
C TYR A 263 -1.00 7.98 -2.20
N MET A 264 -1.58 7.77 -3.38
CA MET A 264 -2.58 6.68 -3.62
C MET A 264 -2.24 6.04 -4.95
N PHE A 265 -2.34 4.70 -5.00
CA PHE A 265 -2.16 4.01 -6.25
C PHE A 265 -3.46 3.70 -6.95
N LEU A 266 -3.34 3.53 -8.28
CA LEU A 266 -4.37 2.93 -9.09
C LEU A 266 -3.76 1.65 -9.69
N GLY A 267 -4.40 0.52 -9.43
CA GLY A 267 -3.93 -0.77 -9.96
C GLY A 267 -4.93 -1.30 -11.00
N GLU A 268 -4.43 -1.93 -12.07
CA GLU A 268 -5.33 -2.66 -12.98
C GLU A 268 -5.44 -4.02 -12.38
N VAL A 269 -6.68 -4.41 -12.04
CA VAL A 269 -6.88 -5.68 -11.35
C VAL A 269 -7.71 -6.63 -12.25
N ALA A 270 -7.18 -7.81 -12.52
CA ALA A 270 -7.91 -8.84 -13.35
C ALA A 270 -8.76 -9.62 -12.39
N LEU A 271 -10.00 -9.19 -12.27
CA LEU A 271 -10.93 -9.75 -11.29
C LEU A 271 -11.53 -11.10 -11.74
N GLY A 272 -11.67 -11.27 -13.04
CA GLY A 272 -12.23 -12.50 -13.58
C GLY A 272 -13.66 -12.71 -13.04
N ARG A 273 -13.98 -13.96 -12.73
CA ARG A 273 -15.28 -14.29 -12.16
C ARG A 273 -15.35 -13.93 -10.62
N GLU A 274 -16.23 -13.00 -10.30
CA GLU A 274 -16.36 -12.46 -8.95
C GLU A 274 -17.25 -13.27 -8.04
N HIS A 275 -16.75 -13.54 -6.83
CA HIS A 275 -17.55 -14.07 -5.73
C HIS A 275 -17.88 -12.92 -4.79
N HIS A 276 -19.18 -12.62 -4.68
CA HIS A 276 -19.69 -11.55 -3.81
C HIS A 276 -20.05 -12.04 -2.39
N ILE A 277 -19.58 -11.33 -1.39
CA ILE A 277 -19.91 -11.60 -0.03
C ILE A 277 -20.50 -10.35 0.60
N ASN A 278 -21.28 -10.57 1.68
CA ASN A 278 -21.93 -9.45 2.39
C ASN A 278 -21.72 -9.51 3.87
N THR A 279 -20.74 -10.32 4.33
CA THR A 279 -20.36 -10.42 5.73
C THR A 279 -18.88 -10.65 5.82
N ASP A 280 -18.25 -10.14 6.89
CA ASP A 280 -16.81 -10.27 7.08
C ASP A 280 -16.39 -11.74 7.11
N ASN A 281 -15.22 -12.01 6.54
CA ASN A 281 -14.59 -13.34 6.64
C ASN A 281 -13.09 -13.23 6.63
N PRO A 282 -12.54 -12.95 7.79
CA PRO A 282 -11.13 -12.73 7.91
C PRO A 282 -10.27 -13.97 7.70
N SER A 283 -10.91 -15.14 7.61
CA SER A 283 -10.21 -16.42 7.38
C SER A 283 -9.96 -16.79 5.89
N LEU A 284 -10.41 -15.99 4.93
CA LEU A 284 -10.27 -16.36 3.53
C LEU A 284 -8.83 -16.31 3.05
N LYS A 285 -8.42 -17.30 2.28
CA LYS A 285 -7.07 -17.33 1.70
C LYS A 285 -7.07 -17.43 0.18
N SER A 286 -8.25 -17.58 -0.39
CA SER A 286 -8.45 -17.65 -1.84
C SER A 286 -9.94 -17.45 -2.13
N PRO A 287 -10.31 -17.21 -3.39
CA PRO A 287 -11.74 -17.24 -3.65
C PRO A 287 -12.26 -18.67 -3.63
N PRO A 288 -13.58 -18.86 -3.62
CA PRO A 288 -14.01 -20.28 -3.82
C PRO A 288 -13.72 -20.84 -5.23
N PRO A 289 -13.87 -22.19 -5.41
CA PRO A 289 -13.42 -22.72 -6.68
C PRO A 289 -14.21 -22.26 -7.86
N GLY A 290 -13.50 -21.89 -8.90
CA GLY A 290 -14.09 -21.30 -10.08
C GLY A 290 -14.25 -19.81 -10.08
N PHE A 291 -13.90 -19.17 -8.97
CA PHE A 291 -13.84 -17.75 -8.87
C PHE A 291 -12.41 -17.20 -8.80
N ASP A 292 -12.23 -16.03 -9.36
CA ASP A 292 -10.90 -15.38 -9.44
C ASP A 292 -10.73 -14.21 -8.42
N SER A 293 -11.82 -13.77 -7.80
CA SER A 293 -11.70 -12.66 -6.87
C SER A 293 -12.86 -12.76 -5.87
N VAL A 294 -12.76 -12.05 -4.75
CA VAL A 294 -13.84 -11.95 -3.74
C VAL A 294 -14.15 -10.48 -3.61
N ILE A 295 -15.41 -10.10 -3.75
CA ILE A 295 -15.77 -8.69 -3.57
C ILE A 295 -16.71 -8.62 -2.36
N ALA A 296 -16.25 -7.94 -1.32
CA ALA A 296 -17.06 -7.66 -0.18
C ALA A 296 -17.89 -6.43 -0.52
N ARG A 297 -19.13 -6.66 -0.83
CA ARG A 297 -19.94 -5.65 -1.48
C ARG A 297 -20.53 -4.65 -0.50
N GLY A 298 -20.34 -3.39 -0.81
CA GLY A 298 -20.85 -2.33 0.00
C GLY A 298 -22.28 -1.93 -0.22
N HIS A 299 -22.78 -1.12 0.73
CA HIS A 299 -24.13 -0.54 0.59
C HIS A 299 -24.21 0.31 -0.64
N THR A 300 -23.06 0.87 -1.07
CA THR A 300 -22.97 1.73 -2.24
C THR A 300 -21.93 1.22 -3.24
N GLU A 301 -22.03 1.69 -4.47
CA GLU A 301 -21.03 1.42 -5.49
C GLU A 301 -21.05 2.58 -6.45
N PRO A 302 -19.88 3.01 -6.98
CA PRO A 302 -19.91 4.00 -8.04
C PRO A 302 -20.89 3.60 -9.15
N ASP A 303 -21.79 4.53 -9.48
CA ASP A 303 -22.92 4.23 -10.40
C ASP A 303 -22.43 3.51 -11.66
N PRO A 304 -22.72 2.20 -11.78
CA PRO A 304 -22.13 1.42 -12.88
C PRO A 304 -22.52 1.90 -14.29
N THR A 305 -23.63 2.62 -14.43
CA THR A 305 -24.07 3.15 -15.72
C THR A 305 -23.15 4.24 -16.19
N GLN A 306 -22.29 4.75 -15.29
CA GLN A 306 -21.33 5.77 -15.70
C GLN A 306 -19.88 5.21 -15.90
N ASP A 307 -19.69 3.91 -15.83
CA ASP A 307 -18.35 3.32 -16.04
C ASP A 307 -17.89 3.71 -17.41
N THR A 308 -16.61 4.01 -17.54
CA THR A 308 -15.94 4.13 -18.84
C THR A 308 -14.85 3.03 -18.91
N GLU A 309 -14.07 3.03 -20.00
CA GLU A 309 -12.91 2.17 -20.15
C GLU A 309 -11.68 2.93 -20.60
N LEU A 310 -10.53 2.47 -20.14
CA LEU A 310 -9.25 2.83 -20.70
C LEU A 310 -8.70 1.58 -21.40
N GLU A 311 -7.84 1.82 -22.38
CA GLU A 311 -7.09 0.78 -23.01
C GLU A 311 -5.67 0.79 -22.51
N LEU A 312 -5.33 -0.29 -21.80
CA LEU A 312 -4.00 -0.43 -21.21
C LEU A 312 -3.37 -1.72 -21.78
N ASP A 313 -2.24 -1.56 -22.48
CA ASP A 313 -1.47 -2.66 -23.09
C ASP A 313 -2.37 -3.49 -23.96
N GLY A 314 -3.23 -2.80 -24.70
CA GLY A 314 -4.24 -3.39 -25.55
C GLY A 314 -5.45 -4.08 -24.93
N GLN A 315 -5.64 -3.98 -23.59
CA GLN A 315 -6.81 -4.57 -22.91
C GLN A 315 -7.73 -3.46 -22.46
N GLN A 316 -9.05 -3.72 -22.46
CA GLN A 316 -10.01 -2.77 -21.94
C GLN A 316 -10.05 -2.95 -20.42
N VAL A 317 -10.04 -1.82 -19.72
CA VAL A 317 -10.01 -1.81 -18.29
C VAL A 317 -11.12 -0.88 -17.88
N VAL A 318 -12.05 -1.36 -17.07
CA VAL A 318 -13.12 -0.52 -16.59
C VAL A 318 -12.63 0.49 -15.55
N VAL A 319 -13.11 1.71 -15.68
CA VAL A 319 -12.82 2.75 -14.74
C VAL A 319 -14.16 3.38 -14.34
N PRO A 320 -14.51 3.26 -13.08
CA PRO A 320 -15.71 3.97 -12.63
C PRO A 320 -15.58 5.50 -12.78
N GLN A 321 -16.71 6.13 -13.08
CA GLN A 321 -16.82 7.57 -13.20
C GLN A 321 -18.00 8.15 -12.42
N GLY A 322 -18.80 7.31 -11.79
CA GLY A 322 -20.07 7.72 -11.17
C GLY A 322 -19.99 7.98 -9.69
N GLN A 323 -20.85 8.87 -9.19
CA GLN A 323 -20.94 8.99 -7.74
C GLN A 323 -21.49 7.68 -7.15
N PRO A 324 -21.22 7.43 -5.87
CA PRO A 324 -21.71 6.22 -5.32
C PRO A 324 -23.23 6.24 -5.23
N VAL A 325 -23.82 5.14 -5.63
CA VAL A 325 -25.25 4.94 -5.44
C VAL A 325 -25.59 3.73 -4.61
N PRO A 326 -26.84 3.70 -4.03
CA PRO A 326 -27.17 2.52 -3.21
C PRO A 326 -27.39 1.30 -4.06
N CYS A 327 -26.97 0.15 -3.56
CA CYS A 327 -27.24 -1.11 -4.18
C CYS A 327 -28.20 -1.87 -3.30
N PRO A 328 -29.49 -1.92 -3.67
CA PRO A 328 -30.52 -2.56 -2.85
C PRO A 328 -30.19 -3.98 -2.40
N GLU A 329 -29.53 -4.78 -3.24
CA GLU A 329 -29.25 -6.15 -2.88
C GLU A 329 -28.26 -6.27 -1.74
N PHE A 330 -27.48 -5.21 -1.48
CA PHE A 330 -26.46 -5.25 -0.43
C PHE A 330 -26.73 -4.23 0.67
N SER A 331 -27.99 -3.77 0.79
CA SER A 331 -28.36 -2.78 1.82
C SER A 331 -28.11 -3.28 3.24
N SER A 332 -28.13 -4.57 3.45
CA SER A 332 -27.79 -5.10 4.78
C SER A 332 -26.34 -5.65 4.93
N SER A 333 -25.49 -5.37 3.96
CA SER A 333 -24.11 -5.84 4.08
C SER A 333 -23.40 -5.28 5.32
N THR A 334 -22.41 -6.04 5.82
CA THR A 334 -21.57 -5.53 6.90
C THR A 334 -20.58 -4.52 6.40
N PHE A 335 -20.50 -4.36 5.07
CA PHE A 335 -19.58 -3.42 4.44
C PHE A 335 -20.31 -2.19 3.97
N SER A 336 -19.89 -1.01 4.44
CA SER A 336 -20.43 0.24 3.90
C SER A 336 -20.02 0.48 2.46
N GLN A 337 -18.75 0.18 2.17
CA GLN A 337 -18.17 0.39 0.86
C GLN A 337 -17.48 -0.89 0.45
N SER A 338 -17.44 -1.13 -0.84
CA SER A 338 -16.88 -2.40 -1.33
C SER A 338 -15.38 -2.55 -1.08
N GLU A 339 -14.97 -3.77 -0.77
CA GLU A 339 -13.53 -4.13 -0.75
C GLU A 339 -13.33 -5.20 -1.79
N TYR A 340 -12.44 -4.95 -2.72
CA TYR A 340 -12.11 -5.87 -3.79
C TYR A 340 -10.83 -6.60 -3.50
N LEU A 341 -10.91 -7.95 -3.49
CA LEU A 341 -9.84 -8.82 -3.03
C LEU A 341 -9.35 -9.75 -4.18
N ILE A 342 -8.03 -9.73 -4.35
CA ILE A 342 -7.34 -10.78 -5.09
C ILE A 342 -6.42 -11.52 -4.16
N TYR A 343 -6.14 -12.78 -4.50
CA TYR A 343 -5.36 -13.61 -3.60
C TYR A 343 -4.10 -14.14 -4.32
N GLN A 344 -3.77 -13.55 -5.46
CA GLN A 344 -2.53 -13.82 -6.20
C GLN A 344 -1.95 -12.46 -6.60
N GLU A 345 -0.70 -12.21 -6.27
CA GLU A 345 -0.03 -10.91 -6.61
C GLU A 345 -0.05 -10.68 -8.12
N SER A 346 -0.05 -11.75 -8.93
CA SER A 346 -0.08 -11.65 -10.38
C SER A 346 -1.32 -11.02 -10.99
N GLN A 347 -2.43 -10.99 -10.26
CA GLN A 347 -3.66 -10.39 -10.80
C GLN A 347 -3.72 -8.85 -10.70
N CYS A 348 -2.71 -8.16 -10.19
CA CYS A 348 -2.68 -6.71 -10.12
C CYS A 348 -1.44 -6.21 -10.85
N ARG A 349 -1.57 -5.20 -11.68
CA ARG A 349 -0.41 -4.45 -12.18
C ARG A 349 -0.59 -2.99 -11.73
N LEU A 350 0.42 -2.40 -11.12
CA LEU A 350 0.36 -0.98 -10.83
C LEU A 350 0.31 -0.20 -12.10
N ARG A 351 -0.53 0.80 -12.14
CA ARG A 351 -0.68 1.63 -13.32
C ARG A 351 -0.43 3.12 -13.10
N TYR A 352 -0.94 3.67 -12.00
CA TYR A 352 -0.80 5.08 -11.68
C TYR A 352 -0.52 5.31 -10.19
N LEU A 353 0.19 6.40 -9.93
CA LEU A 353 0.45 6.91 -8.58
C LEU A 353 0.01 8.37 -8.56
N LEU A 354 -0.78 8.73 -7.56
CA LEU A 354 -1.30 10.09 -7.42
C LEU A 354 -0.76 10.71 -6.18
N GLU A 355 -0.33 11.98 -6.30
CA GLU A 355 -0.05 12.82 -5.13
C GLU A 355 -1.30 13.65 -4.87
N VAL A 356 -1.80 13.63 -3.65
CA VAL A 356 -3.04 14.33 -3.26
C VAL A 356 -2.78 15.17 -2.02
N HIS A 357 -3.36 16.36 -1.97
CA HIS A 357 -3.24 17.20 -0.79
C HIS A 357 -4.63 17.31 -0.16
CAI 1VB B . 0.27 -4.29 4.59
CAK 1VB B . 1.21 -5.07 3.90
CAV 1VB B . 2.43 -4.49 3.53
SBB 1VB B . 3.71 -5.52 2.70
OAE 1VB B . 3.47 -6.92 3.26
OAF 1VB B . 3.59 -5.46 1.18
NAB 1VB B . 5.17 -4.96 3.20
CAL 1VB B . 2.72 -3.18 3.87
CAJ 1VB B . 1.76 -2.40 4.51
CAU 1VB B . 0.53 -2.95 4.89
CBA 1VB B . -0.44 -2.18 5.59
CAA 1VB B . -0.64 -2.74 7.00
NAR 1VB B . -1.78 -2.27 5.01
CAT 1VB B . -2.25 -1.35 4.23
OAC 1VB B . -1.59 -0.38 3.86
CAO 1VB B . -3.68 -1.63 3.80
CAP 1VB B . -4.04 -0.47 2.95
CAW 1VB B . -5.34 -0.55 2.38
NAQ 1VB B . -6.34 -1.34 2.83
CAY 1VB B . -7.57 -1.35 2.19
CAM 1VB B . -8.61 -2.14 2.72
CAG 1VB B . -9.84 -2.15 2.10
CAH 1VB B . -10.08 -1.36 0.99
CAN 1VB B . -9.03 -0.52 0.49
CAZ 1VB B . -7.79 -0.55 1.10
CAX 1VB B . -6.77 0.29 0.61
OAD 1VB B . -6.94 1.10 -0.32
NAS 1VB B . -5.56 0.26 1.28
#